data_8ZLP
#
_entry.id   8ZLP
#
_entity_poly.entity_id   1
_entity_poly.type   'polypeptide(L)'
_entity_poly.pdbx_seq_one_letter_code
;(ACE)MDVFMKGLSKAKEGVVAAAEKTKQGVAEAAGKTKEGVLYVGSKTKEGVVHGVATVAEKTKEQVTNVGGAVVTGVT
AVAQKTVEGAGSIAAATGFVKKD
;
_entity_poly.pdbx_strand_id   A,B,C,F,G,H
#
# COMPACT_ATOMS: atom_id res chain seq x y z
N MET A 2 5.81 1.64 -1.22
CA MET A 2 5.96 0.73 -0.09
C MET A 2 7.42 0.62 0.34
N ASP A 3 7.88 1.58 1.14
CA ASP A 3 9.24 1.57 1.65
C ASP A 3 9.25 0.86 3.00
N VAL A 4 9.80 -0.35 3.05
CA VAL A 4 9.53 -1.22 4.19
C VAL A 4 10.65 -1.20 5.22
N PHE A 5 11.84 -1.67 4.85
CA PHE A 5 12.94 -1.75 5.80
C PHE A 5 14.04 -0.79 5.39
N MET A 6 14.33 0.18 6.25
CA MET A 6 15.29 1.21 5.92
C MET A 6 16.17 1.49 7.12
N LYS A 7 17.44 1.79 6.87
CA LYS A 7 18.39 2.18 7.91
C LYS A 7 19.22 3.32 7.33
N GLY A 8 18.77 4.55 7.54
CA GLY A 8 19.45 5.70 6.98
C GLY A 8 18.49 6.80 6.59
N LEU A 9 18.74 7.46 5.48
CA LEU A 9 17.86 8.53 5.01
C LEU A 9 16.94 7.98 3.94
N SER A 10 15.64 8.22 4.11
CA SER A 10 14.63 7.81 3.16
C SER A 10 13.76 9.02 2.87
N LYS A 11 13.86 9.55 1.65
CA LYS A 11 13.17 10.78 1.28
C LYS A 11 13.51 11.92 2.23
N ALA A 12 14.80 12.10 2.49
CA ALA A 12 15.23 13.08 3.47
C ALA A 12 16.37 13.91 2.91
N LYS A 13 16.89 14.80 3.74
CA LYS A 13 17.99 15.68 3.37
C LYS A 13 18.85 15.95 4.59
N GLU A 14 20.16 15.94 4.38
CA GLU A 14 21.11 16.45 5.37
C GLU A 14 21.00 15.69 6.69
N GLY A 15 21.32 14.40 6.64
CA GLY A 15 21.21 13.54 7.79
C GLY A 15 22.56 12.98 8.20
N VAL A 16 22.70 12.72 9.50
CA VAL A 16 23.87 12.06 10.06
C VAL A 16 23.33 10.91 10.91
N VAL A 17 23.42 9.69 10.39
CA VAL A 17 22.81 8.53 11.01
C VAL A 17 23.89 7.52 11.36
N ALA A 18 23.80 6.95 12.55
CA ALA A 18 24.70 5.89 12.99
C ALA A 18 23.87 4.79 13.62
N ALA A 19 23.95 3.60 13.06
CA ALA A 19 23.15 2.46 13.52
C ALA A 19 24.06 1.28 13.79
N ALA A 20 23.91 0.69 14.98
CA ALA A 20 24.62 -0.51 15.36
C ALA A 20 23.72 -1.72 15.18
N GLU A 21 24.20 -2.89 15.56
CA GLU A 21 23.43 -4.10 15.39
C GLU A 21 23.75 -5.06 16.52
N LYS A 22 23.05 -6.20 16.53
CA LYS A 22 23.09 -7.12 17.67
C LYS A 22 24.47 -7.72 17.87
N THR A 23 24.71 -8.21 19.08
CA THR A 23 25.94 -8.89 19.43
C THR A 23 25.61 -10.19 20.15
N LYS A 24 26.56 -11.12 20.12
CA LYS A 24 26.44 -12.38 20.83
C LYS A 24 27.82 -12.78 21.35
N GLN A 25 27.89 -13.09 22.63
CA GLN A 25 29.14 -13.56 23.24
C GLN A 25 28.79 -14.63 24.25
N GLY A 26 29.15 -15.87 23.94
CA GLY A 26 28.83 -16.96 24.83
C GLY A 26 27.35 -17.30 24.80
N VAL A 27 26.87 -17.75 23.65
CA VAL A 27 25.47 -18.11 23.46
C VAL A 27 25.41 -19.55 23.00
N ALA A 28 24.51 -20.32 23.59
CA ALA A 28 24.27 -21.70 23.19
C ALA A 28 22.79 -21.87 22.92
N GLU A 29 22.41 -21.94 21.66
CA GLU A 29 21.04 -22.14 21.25
C GLU A 29 20.85 -23.57 20.78
N ALA A 30 19.64 -24.09 20.93
CA ALA A 30 19.33 -25.44 20.52
C ALA A 30 17.92 -25.47 19.95
N ALA A 31 17.81 -25.84 18.67
CA ALA A 31 16.51 -26.04 18.01
C ALA A 31 15.65 -24.78 18.07
N GLY A 32 16.26 -23.63 17.84
CA GLY A 32 15.54 -22.37 17.82
C GLY A 32 15.21 -21.93 16.39
N LYS A 33 14.14 -21.17 16.27
CA LYS A 33 13.76 -20.54 15.02
C LYS A 33 13.93 -19.04 15.14
N THR A 34 13.95 -18.36 14.00
CA THR A 34 14.19 -16.93 13.99
C THR A 34 13.73 -16.35 12.65
N LYS A 35 13.12 -15.17 12.70
CA LYS A 35 12.74 -14.42 11.51
C LYS A 35 12.98 -12.95 11.78
N GLU A 36 13.92 -12.35 11.06
CA GLU A 36 14.25 -10.94 11.22
C GLU A 36 14.16 -10.26 9.87
N GLY A 37 13.15 -9.41 9.70
CA GLY A 37 13.00 -8.71 8.45
C GLY A 37 12.39 -9.59 7.38
N VAL A 38 11.21 -10.11 7.65
CA VAL A 38 10.48 -10.96 6.72
C VAL A 38 9.24 -10.22 6.26
N LEU A 39 8.97 -10.24 4.95
CA LEU A 39 7.85 -9.50 4.38
C LEU A 39 7.15 -10.38 3.37
N TYR A 40 5.89 -10.71 3.63
CA TYR A 40 5.06 -11.45 2.68
C TYR A 40 4.06 -10.51 2.05
N VAL A 41 3.86 -10.66 0.74
CA VAL A 41 2.87 -9.88 0.01
C VAL A 41 2.07 -10.83 -0.86
N GLY A 42 0.80 -11.02 -0.53
CA GLY A 42 -0.04 -11.89 -1.31
C GLY A 42 0.40 -13.32 -1.39
N SER A 43 1.27 -13.76 -0.49
CA SER A 43 1.80 -15.11 -0.50
C SER A 43 0.99 -16.02 0.41
N LYS A 44 1.21 -17.31 0.25
CA LYS A 44 0.51 -18.32 1.05
C LYS A 44 1.50 -19.41 1.41
N THR A 45 1.76 -19.58 2.70
CA THR A 45 2.78 -20.49 3.17
C THR A 45 2.20 -21.53 4.13
N LYS A 46 3.03 -22.50 4.46
CA LYS A 46 2.67 -23.54 5.43
C LYS A 46 3.99 -24.10 5.96
N GLU A 47 4.38 -23.67 7.16
CA GLU A 47 5.70 -23.94 7.69
C GLU A 47 5.61 -24.74 8.97
N GLY A 48 6.50 -25.70 9.13
CA GLY A 48 6.68 -26.38 10.39
C GLY A 48 5.47 -27.11 10.91
N VAL A 49 5.01 -28.14 10.23
CA VAL A 49 3.90 -28.95 10.72
C VAL A 49 4.39 -30.36 10.97
N VAL A 50 3.77 -31.02 11.93
CA VAL A 50 4.04 -32.42 12.25
C VAL A 50 2.70 -33.13 12.29
N HIS A 51 2.52 -34.11 11.42
CA HIS A 51 1.19 -34.65 11.16
C HIS A 51 1.26 -36.15 11.03
N GLY A 52 0.29 -36.84 11.63
CA GLY A 52 0.16 -38.27 11.48
C GLY A 52 1.33 -39.07 12.00
N VAL A 53 1.53 -39.07 13.31
CA VAL A 53 2.60 -39.82 13.95
C VAL A 53 1.99 -40.93 14.78
N ALA A 54 2.52 -42.14 14.62
CA ALA A 54 2.07 -43.29 15.39
C ALA A 54 3.27 -43.96 16.04
N THR A 55 3.01 -44.63 17.15
CA THR A 55 4.09 -45.31 17.88
C THR A 55 3.48 -46.43 18.70
N VAL A 56 3.91 -47.66 18.46
CA VAL A 56 3.35 -48.82 19.13
C VAL A 56 4.47 -49.56 19.83
N ALA A 57 4.18 -50.08 21.02
CA ALA A 57 5.10 -50.90 21.77
C ALA A 57 4.35 -52.11 22.29
N GLU A 58 5.04 -53.24 22.38
CA GLU A 58 4.40 -54.46 22.85
C GLU A 58 5.48 -55.39 23.40
N LYS A 59 5.41 -55.68 24.69
CA LYS A 59 6.34 -56.59 25.36
C LYS A 59 7.79 -56.16 25.20
N THR A 60 8.02 -54.91 24.83
CA THR A 60 9.38 -54.40 24.70
C THR A 60 9.88 -53.86 26.03
N LYS A 61 11.19 -53.84 26.18
CA LYS A 61 11.80 -53.43 27.44
C LYS A 61 12.11 -51.94 27.48
N GLU A 62 12.23 -51.28 26.33
CA GLU A 62 12.54 -49.86 26.31
C GLU A 62 12.32 -49.32 24.91
N GLN A 63 11.76 -48.13 24.82
CA GLN A 63 11.53 -47.49 23.53
C GLN A 63 11.59 -45.99 23.72
N VAL A 64 12.53 -45.33 23.05
CA VAL A 64 12.73 -43.90 23.16
C VAL A 64 12.64 -43.32 21.75
N THR A 65 11.63 -42.49 21.50
CA THR A 65 11.40 -41.93 20.18
C THR A 65 11.27 -40.43 20.28
N ASN A 66 11.78 -39.73 19.27
CA ASN A 66 11.65 -38.29 19.16
C ASN A 66 11.23 -37.95 17.74
N VAL A 67 10.16 -37.17 17.61
CA VAL A 67 9.72 -36.66 16.32
C VAL A 67 9.54 -35.16 16.47
N GLY A 68 9.86 -34.42 15.44
CA GLY A 68 9.72 -32.98 15.52
C GLY A 68 10.30 -32.28 14.32
N GLY A 69 10.21 -30.96 14.37
CA GLY A 69 10.87 -30.16 13.34
C GLY A 69 12.37 -30.13 13.52
N ALA A 70 12.84 -30.22 14.76
CA ALA A 70 14.27 -30.22 15.05
C ALA A 70 14.47 -30.94 16.37
N VAL A 71 15.20 -32.05 16.35
CA VAL A 71 15.44 -32.87 17.53
C VAL A 71 16.91 -32.71 17.90
N VAL A 72 17.17 -32.33 19.14
CA VAL A 72 18.52 -32.17 19.65
C VAL A 72 18.64 -33.00 20.91
N THR A 73 19.47 -34.04 20.86
CA THR A 73 19.67 -34.95 21.98
C THR A 73 21.17 -35.05 22.21
N GLY A 74 21.71 -34.12 22.97
CA GLY A 74 23.14 -34.10 23.17
C GLY A 74 23.56 -32.90 24.00
N VAL A 75 24.84 -32.57 23.92
CA VAL A 75 25.41 -31.49 24.70
C VAL A 75 25.74 -30.34 23.76
N THR A 76 25.27 -29.15 24.08
CA THR A 76 25.57 -27.93 23.36
C THR A 76 26.17 -26.96 24.37
N ALA A 77 27.48 -27.03 24.55
CA ALA A 77 28.15 -26.30 25.62
C ALA A 77 29.11 -25.27 25.05
N VAL A 78 29.32 -24.20 25.80
CA VAL A 78 30.28 -23.16 25.49
C VAL A 78 31.08 -22.86 26.75
N ALA A 79 32.39 -22.70 26.60
CA ALA A 79 33.26 -22.40 27.73
C ALA A 79 34.23 -21.32 27.31
N GLN A 80 34.23 -20.20 28.03
CA GLN A 80 35.10 -19.08 27.72
C GLN A 80 35.97 -18.76 28.93
N LYS A 81 37.11 -18.14 28.66
CA LYS A 81 38.02 -17.74 29.72
C LYS A 81 38.95 -16.68 29.17
N THR A 82 38.94 -15.50 29.77
CA THR A 82 39.76 -14.37 29.33
C THR A 82 39.47 -14.03 27.87
N VAL A 83 38.19 -13.92 27.55
CA VAL A 83 37.72 -13.54 26.24
C VAL A 83 37.31 -12.07 26.31
N GLU A 84 37.67 -11.30 25.28
CA GLU A 84 37.56 -9.86 25.36
C GLU A 84 37.17 -9.29 24.00
N GLY A 85 35.95 -8.76 23.91
CA GLY A 85 35.61 -7.86 22.83
C GLY A 85 34.83 -8.48 21.69
N ALA A 86 33.51 -8.30 21.69
CA ALA A 86 32.69 -8.61 20.53
C ALA A 86 31.52 -7.64 20.56
N GLY A 87 31.68 -6.52 19.88
CA GLY A 87 30.67 -5.47 19.90
C GLY A 87 30.65 -4.74 18.59
N SER A 88 29.47 -4.27 18.21
CA SER A 88 29.29 -3.53 16.97
C SER A 88 29.25 -2.04 17.29
N ILE A 89 30.18 -1.30 16.71
CA ILE A 89 30.30 0.13 16.92
C ILE A 89 29.96 0.85 15.62
N ALA A 90 29.27 1.97 15.73
CA ALA A 90 28.92 2.78 14.57
C ALA A 90 29.10 4.24 14.93
N ALA A 91 29.95 4.93 14.17
CA ALA A 91 30.22 6.34 14.40
C ALA A 91 29.96 7.12 13.13
N ALA A 92 29.30 8.27 13.27
CA ALA A 92 28.98 9.12 12.14
C ALA A 92 29.19 10.57 12.52
N THR A 93 29.74 11.35 11.59
CA THR A 93 30.01 12.76 11.83
C THR A 93 29.87 13.50 10.51
N GLY A 94 29.15 14.62 10.53
CA GLY A 94 28.91 15.35 9.31
C GLY A 94 28.56 16.80 9.58
N PHE A 95 28.73 17.61 8.54
CA PHE A 95 28.37 19.03 8.58
C PHE A 95 29.07 19.74 9.74
N VAL A 96 30.38 19.58 9.79
CA VAL A 96 31.22 20.24 10.77
C VAL A 96 31.95 21.37 10.07
N LYS A 97 31.99 22.53 10.71
CA LYS A 97 32.67 23.70 10.16
C LYS A 97 33.67 24.17 11.20
N LYS A 98 34.84 23.56 11.21
CA LYS A 98 35.93 23.96 12.08
C LYS A 98 36.76 25.03 11.38
N ASP A 99 36.62 26.26 11.83
CA ASP A 99 37.24 27.40 11.18
C ASP A 99 38.30 28.03 12.06
N MET B 2 3.24 3.47 2.38
CA MET B 2 3.38 2.53 3.49
C MET B 2 4.83 2.41 3.93
N ASP B 3 5.29 3.36 4.74
CA ASP B 3 6.66 3.32 5.27
C ASP B 3 6.65 2.59 6.61
N VAL B 4 7.18 1.38 6.65
CA VAL B 4 6.89 0.51 7.79
C VAL B 4 8.00 0.51 8.82
N PHE B 5 9.19 0.03 8.45
CA PHE B 5 10.29 -0.07 9.41
C PHE B 5 11.40 0.88 9.02
N MET B 6 11.69 1.84 9.89
CA MET B 6 12.67 2.86 9.57
C MET B 6 13.55 3.12 10.78
N LYS B 7 14.81 3.41 10.53
CA LYS B 7 15.76 3.78 11.59
C LYS B 7 16.62 4.90 11.02
N GLY B 8 16.17 6.14 11.24
CA GLY B 8 16.87 7.29 10.69
C GLY B 8 15.93 8.41 10.31
N LEU B 9 16.19 9.08 9.20
CA LEU B 9 15.34 10.15 8.74
C LEU B 9 14.40 9.64 7.66
N SER B 10 13.11 9.88 7.82
CA SER B 10 12.10 9.49 6.85
C SER B 10 11.24 10.72 6.57
N LYS B 11 11.36 11.26 5.36
CA LYS B 11 10.68 12.49 4.99
C LYS B 11 11.04 13.63 5.96
N ALA B 12 12.33 13.78 6.23
CA ALA B 12 12.76 14.75 7.21
C ALA B 12 13.91 15.58 6.67
N LYS B 13 14.44 16.45 7.51
CA LYS B 13 15.54 17.33 7.15
C LYS B 13 16.40 17.57 8.38
N GLU B 14 17.72 17.56 8.19
CA GLU B 14 18.66 18.03 9.18
C GLU B 14 18.53 17.26 10.50
N GLY B 15 18.84 15.98 10.43
CA GLY B 15 18.72 15.11 11.58
C GLY B 15 20.06 14.53 11.99
N VAL B 16 20.19 14.26 13.29
CA VAL B 16 21.34 13.57 13.85
C VAL B 16 20.79 12.43 14.68
N VAL B 17 20.86 11.22 14.16
CA VAL B 17 20.24 10.06 14.77
C VAL B 17 21.31 9.03 15.11
N ALA B 18 21.20 8.44 16.30
CA ALA B 18 22.08 7.37 16.74
C ALA B 18 21.24 6.28 17.35
N ALA B 19 21.30 5.09 16.78
CA ALA B 19 20.50 3.96 17.24
C ALA B 19 21.38 2.76 17.50
N ALA B 20 21.22 2.17 18.67
CA ALA B 20 21.92 0.96 19.05
C ALA B 20 21.01 -0.24 18.85
N GLU B 21 21.48 -1.42 19.24
CA GLU B 21 20.69 -2.63 19.04
C GLU B 21 20.98 -3.60 20.17
N LYS B 22 20.28 -4.73 20.17
CA LYS B 22 20.29 -5.65 21.29
C LYS B 22 21.67 -6.26 21.50
N THR B 23 21.89 -6.77 22.70
CA THR B 23 23.12 -7.47 23.06
C THR B 23 22.77 -8.77 23.76
N LYS B 24 23.72 -9.70 23.74
CA LYS B 24 23.58 -10.97 24.44
C LYS B 24 24.93 -11.40 24.96
N GLN B 25 25.01 -11.73 26.24
CA GLN B 25 26.24 -12.20 26.85
C GLN B 25 25.86 -13.28 27.85
N GLY B 26 26.22 -14.52 27.54
CA GLY B 26 25.88 -15.62 28.41
C GLY B 26 24.40 -15.94 28.36
N VAL B 27 23.93 -16.37 27.21
CA VAL B 27 22.53 -16.72 27.01
C VAL B 27 22.45 -18.16 26.54
N ALA B 28 21.53 -18.92 27.12
CA ALA B 28 21.28 -20.30 26.70
C ALA B 28 19.80 -20.44 26.43
N GLU B 29 19.43 -20.50 25.15
CA GLU B 29 18.05 -20.67 24.73
C GLU B 29 17.85 -22.10 24.25
N ALA B 30 16.64 -22.60 24.39
CA ALA B 30 16.31 -23.96 23.97
C ALA B 30 14.91 -23.97 23.39
N ALA B 31 14.79 -24.32 22.11
CA ALA B 31 13.51 -24.49 21.44
C ALA B 31 12.66 -23.23 21.50
N GLY B 32 13.29 -22.08 21.28
CA GLY B 32 12.58 -20.82 21.27
C GLY B 32 12.25 -20.37 19.86
N LYS B 33 11.19 -19.58 19.73
CA LYS B 33 10.83 -18.95 18.47
C LYS B 33 11.02 -17.45 18.60
N THR B 34 11.06 -16.76 17.47
CA THR B 34 11.31 -15.33 17.48
C THR B 34 10.87 -14.74 16.14
N LYS B 35 10.27 -13.55 16.20
CA LYS B 35 9.91 -12.78 15.01
C LYS B 35 10.16 -11.32 15.30
N GLU B 36 11.11 -10.73 14.58
CA GLU B 36 11.46 -9.32 14.77
C GLU B 36 11.38 -8.63 13.42
N GLY B 37 10.39 -7.77 13.25
CA GLY B 37 10.24 -7.05 12.00
C GLY B 37 9.64 -7.91 10.92
N VAL B 38 8.44 -8.43 11.18
CA VAL B 38 7.71 -9.26 10.23
C VAL B 38 6.49 -8.49 9.77
N LEU B 39 6.23 -8.50 8.47
CA LEU B 39 5.12 -7.75 7.90
C LEU B 39 4.42 -8.62 6.87
N TYR B 40 3.15 -8.93 7.12
CA TYR B 40 2.31 -9.66 6.16
C TYR B 40 1.33 -8.70 5.52
N VAL B 41 1.13 -8.84 4.22
CA VAL B 41 0.16 -8.04 3.48
C VAL B 41 -0.63 -8.99 2.61
N GLY B 42 -1.92 -9.15 2.93
CA GLY B 42 -2.78 -10.00 2.13
C GLY B 42 -2.33 -11.45 2.05
N SER B 43 -1.48 -11.89 2.96
CA SER B 43 -0.97 -13.25 2.92
C SER B 43 -1.79 -14.16 3.82
N LYS B 44 -1.59 -15.46 3.66
CA LYS B 44 -2.31 -16.46 4.44
C LYS B 44 -1.32 -17.56 4.80
N THR B 45 -1.08 -17.75 6.10
CA THR B 45 -0.07 -18.68 6.56
C THR B 45 -0.67 -19.71 7.50
N LYS B 46 0.15 -20.70 7.83
CA LYS B 46 -0.22 -21.74 8.79
C LYS B 46 1.09 -22.31 9.32
N GLU B 47 1.46 -21.90 10.53
CA GLU B 47 2.78 -22.19 11.07
C GLU B 47 2.67 -23.01 12.35
N GLY B 48 3.56 -23.97 12.50
CA GLY B 48 3.73 -24.67 13.75
C GLY B 48 2.49 -25.38 14.26
N VAL B 49 2.03 -26.41 13.57
CA VAL B 49 0.91 -27.20 14.04
C VAL B 49 1.38 -28.62 14.28
N VAL B 50 0.75 -29.29 15.24
CA VAL B 50 1.00 -30.69 15.55
C VAL B 50 -0.35 -31.39 15.57
N HIS B 51 -0.54 -32.35 14.70
CA HIS B 51 -1.86 -32.88 14.42
C HIS B 51 -1.81 -34.39 14.29
N GLY B 52 -2.79 -35.06 14.87
CA GLY B 52 -2.94 -36.49 14.70
C GLY B 52 -1.79 -37.31 15.23
N VAL B 53 -1.60 -37.31 16.53
CA VAL B 53 -0.54 -38.08 17.18
C VAL B 53 -1.16 -39.21 17.99
N ALA B 54 -0.64 -40.42 17.83
CA ALA B 54 -1.12 -41.56 18.58
C ALA B 54 0.08 -42.25 19.23
N THR B 55 -0.19 -42.93 20.34
CA THR B 55 0.86 -43.63 21.07
C THR B 55 0.23 -44.74 21.88
N VAL B 56 0.65 -45.98 21.63
CA VAL B 56 0.08 -47.14 22.29
C VAL B 56 1.19 -47.89 22.99
N ALA B 57 0.88 -48.43 24.17
CA ALA B 57 1.79 -49.26 24.92
C ALA B 57 1.03 -50.46 25.43
N GLU B 58 1.70 -51.61 25.50
CA GLU B 58 1.05 -52.82 25.97
C GLU B 58 2.11 -53.77 26.51
N LYS B 59 2.03 -54.07 27.80
CA LYS B 59 2.94 -55.00 28.46
C LYS B 59 4.40 -54.58 28.32
N THR B 60 4.65 -53.33 27.97
CA THR B 60 6.01 -52.83 27.84
C THR B 60 6.51 -52.31 29.18
N LYS B 61 7.82 -52.31 29.34
CA LYS B 61 8.42 -51.90 30.60
C LYS B 61 8.76 -50.43 30.66
N GLU B 62 8.89 -49.76 29.52
CA GLU B 62 9.21 -48.34 29.52
C GLU B 62 9.01 -47.79 28.12
N GLN B 63 8.46 -46.59 28.03
CA GLN B 63 8.25 -45.93 26.74
C GLN B 63 8.32 -44.43 26.94
N VAL B 64 9.28 -43.79 26.30
CA VAL B 64 9.49 -42.35 26.41
C VAL B 64 9.41 -41.77 25.00
N THR B 65 8.42 -40.93 24.76
CA THR B 65 8.20 -40.35 23.44
C THR B 65 8.08 -38.84 23.55
N ASN B 66 8.61 -38.15 22.55
CA ASN B 66 8.49 -36.70 22.45
C ASN B 66 8.09 -36.35 21.04
N VAL B 67 7.03 -35.56 20.91
CA VAL B 67 6.60 -35.03 19.62
C VAL B 67 6.44 -33.54 19.78
N GLY B 68 6.78 -32.78 18.75
CA GLY B 68 6.64 -31.34 18.84
C GLY B 68 7.25 -30.64 17.66
N GLY B 69 7.17 -29.32 17.71
CA GLY B 69 7.85 -28.51 16.70
C GLY B 69 9.35 -28.51 16.90
N ALA B 70 9.81 -28.60 18.13
CA ALA B 70 11.23 -28.64 18.43
C ALA B 70 11.42 -29.36 19.75
N VAL B 71 12.14 -30.48 19.71
CA VAL B 71 12.36 -31.31 20.89
C VAL B 71 13.82 -31.18 21.27
N VAL B 72 14.08 -30.80 22.52
CA VAL B 72 15.44 -30.66 23.03
C VAL B 72 15.53 -31.50 24.29
N THR B 73 16.35 -32.55 24.24
CA THR B 73 16.53 -33.48 25.36
C THR B 73 18.03 -33.60 25.59
N GLY B 74 18.58 -32.68 26.35
CA GLY B 74 20.02 -32.67 26.57
C GLY B 74 20.43 -31.49 27.40
N VAL B 75 21.71 -31.17 27.34
CA VAL B 75 22.30 -30.10 28.13
C VAL B 75 22.64 -28.96 27.20
N THR B 76 22.18 -27.76 27.54
CA THR B 76 22.51 -26.53 26.82
C THR B 76 23.11 -25.58 27.85
N ALA B 77 24.43 -25.66 28.04
CA ALA B 77 25.10 -24.96 29.11
C ALA B 77 26.07 -23.93 28.55
N VAL B 78 26.28 -22.88 29.33
CA VAL B 78 27.26 -21.84 29.02
C VAL B 78 28.05 -21.56 30.29
N ALA B 79 29.36 -21.41 30.16
CA ALA B 79 30.23 -21.13 31.29
C ALA B 79 31.21 -20.05 30.89
N GLN B 80 31.22 -18.94 31.62
CA GLN B 80 32.10 -17.84 31.33
C GLN B 80 32.96 -17.52 32.53
N LYS B 81 34.12 -16.92 32.28
CA LYS B 81 35.04 -16.54 33.35
C LYS B 81 35.98 -15.49 32.81
N THR B 82 35.97 -14.31 33.43
CA THR B 82 36.81 -13.19 33.00
C THR B 82 36.54 -12.84 31.54
N VAL B 83 35.26 -12.71 31.23
CA VAL B 83 34.80 -12.30 29.90
C VAL B 83 34.41 -10.83 29.98
N GLU B 84 34.79 -10.06 28.97
CA GLU B 84 34.69 -8.61 29.04
C GLU B 84 34.30 -8.04 27.69
N GLY B 85 33.10 -7.49 27.60
CA GLY B 85 32.77 -6.59 26.53
C GLY B 85 31.99 -7.18 25.38
N ALA B 86 30.69 -6.98 25.38
CA ALA B 86 29.86 -7.28 24.20
C ALA B 86 28.70 -6.29 24.23
N GLY B 87 28.88 -5.17 23.57
CA GLY B 87 27.89 -4.12 23.59
C GLY B 87 27.88 -3.37 22.28
N SER B 88 26.71 -2.88 21.90
CA SER B 88 26.53 -2.13 20.67
C SER B 88 26.51 -0.64 21.00
N ILE B 89 27.46 0.10 20.42
CA ILE B 89 27.59 1.52 20.65
C ILE B 89 27.28 2.24 19.36
N ALA B 90 26.60 3.39 19.47
CA ALA B 90 26.26 4.21 18.31
C ALA B 90 26.46 5.66 18.69
N ALA B 91 27.31 6.35 17.95
CA ALA B 91 27.60 7.75 18.19
C ALA B 91 27.35 8.54 16.92
N ALA B 92 26.72 9.70 17.07
CA ALA B 92 26.41 10.56 15.94
C ALA B 92 26.63 12.01 16.33
N THR B 93 27.19 12.79 15.41
CA THR B 93 27.47 14.19 15.66
C THR B 93 27.35 14.94 14.35
N GLY B 94 26.65 16.07 14.37
CA GLY B 94 26.42 16.82 13.15
C GLY B 94 26.10 18.27 13.44
N PHE B 95 26.28 19.09 12.41
CA PHE B 95 25.93 20.51 12.47
C PHE B 95 26.63 21.20 13.64
N VAL B 96 27.94 21.02 13.68
CA VAL B 96 28.79 21.67 14.68
C VAL B 96 29.53 22.79 13.99
N LYS B 97 29.58 23.95 14.64
CA LYS B 97 30.28 25.11 14.10
C LYS B 97 31.28 25.57 15.16
N LYS B 98 32.45 24.94 15.17
CA LYS B 98 33.53 25.32 16.06
C LYS B 98 34.37 26.38 15.37
N ASP B 99 34.24 27.62 15.83
CA ASP B 99 34.88 28.76 15.18
C ASP B 99 35.94 29.36 16.08
N MET C 2 0.65 5.28 5.98
CA MET C 2 0.77 4.35 7.09
C MET C 2 2.22 4.20 7.54
N ASP C 3 2.69 5.14 8.35
CA ASP C 3 4.04 5.08 8.89
C ASP C 3 4.03 4.35 10.23
N VAL C 4 4.54 3.13 10.26
CA VAL C 4 4.23 2.26 11.38
C VAL C 4 5.34 2.22 12.42
N PHE C 5 6.52 1.74 12.06
CA PHE C 5 7.61 1.61 13.03
C PHE C 5 8.74 2.56 12.65
N MET C 6 9.04 3.50 13.53
CA MET C 6 10.03 4.52 13.23
C MET C 6 10.90 4.77 14.44
N LYS C 7 12.18 5.04 14.21
CA LYS C 7 13.12 5.38 15.27
C LYS C 7 13.99 6.51 14.71
N GLY C 8 13.56 7.75 14.94
CA GLY C 8 14.27 8.89 14.41
C GLY C 8 13.35 10.02 14.03
N LEU C 9 13.63 10.70 12.92
CA LEU C 9 12.78 11.79 12.47
C LEU C 9 11.85 11.29 11.38
N SER C 10 10.56 11.55 11.54
CA SER C 10 9.55 11.18 10.56
C SER C 10 8.70 12.42 10.29
N LYS C 11 8.83 12.96 9.08
CA LYS C 11 8.18 14.22 8.71
C LYS C 11 8.54 15.33 9.69
N ALA C 12 9.83 15.48 9.97
CA ALA C 12 10.27 16.42 10.97
C ALA C 12 11.43 17.24 10.43
N LYS C 13 11.97 18.11 11.29
CA LYS C 13 13.08 18.97 10.95
C LYS C 13 13.93 19.20 12.18
N GLU C 14 15.25 19.17 11.99
CA GLU C 14 16.20 19.63 13.00
C GLU C 14 16.05 18.86 14.30
N GLY C 15 16.33 17.56 14.23
CA GLY C 15 16.20 16.68 15.37
C GLY C 15 17.53 16.08 15.79
N VAL C 16 17.65 15.80 17.08
CA VAL C 16 18.80 15.11 17.65
C VAL C 16 18.22 13.96 18.46
N VAL C 17 18.29 12.75 17.93
CA VAL C 17 17.64 11.59 18.52
C VAL C 17 18.70 10.55 18.87
N ALA C 18 18.58 9.96 20.05
CA ALA C 18 19.45 8.88 20.48
C ALA C 18 18.59 7.78 21.09
N ALA C 19 18.64 6.60 20.51
CA ALA C 19 17.82 5.48 20.94
C ALA C 19 18.69 4.27 21.21
N ALA C 20 18.52 3.66 22.38
CA ALA C 20 19.21 2.44 22.75
C ALA C 20 18.27 1.26 22.53
N GLU C 21 18.72 0.06 22.90
CA GLU C 21 17.93 -1.13 22.70
C GLU C 21 18.21 -2.12 23.82
N LYS C 22 17.49 -3.23 23.81
CA LYS C 22 17.48 -4.17 24.92
C LYS C 22 18.85 -4.80 25.13
N THR C 23 19.07 -5.32 26.33
CA THR C 23 20.28 -6.03 26.69
C THR C 23 19.92 -7.34 27.39
N LYS C 24 20.85 -8.28 27.36
CA LYS C 24 20.69 -9.55 28.05
C LYS C 24 22.04 -9.99 28.57
N GLN C 25 22.11 -10.33 29.85
CA GLN C 25 23.32 -10.83 30.46
C GLN C 25 22.94 -11.91 31.45
N GLY C 26 23.28 -13.15 31.13
CA GLY C 26 22.92 -14.25 31.99
C GLY C 26 21.45 -14.56 31.94
N VAL C 27 20.97 -14.99 30.77
CA VAL C 27 19.57 -15.31 30.56
C VAL C 27 19.47 -16.74 30.08
N ALA C 28 18.54 -17.50 30.65
CA ALA C 28 18.28 -18.87 30.22
C ALA C 28 16.80 -18.99 29.94
N GLU C 29 16.44 -19.03 28.65
CA GLU C 29 15.06 -19.20 28.23
C GLU C 29 14.85 -20.62 27.74
N ALA C 30 13.63 -21.10 27.86
CA ALA C 30 13.28 -22.45 27.42
C ALA C 30 11.89 -22.45 26.84
N ALA C 31 11.78 -22.78 25.56
CA ALA C 31 10.50 -22.93 24.87
C ALA C 31 9.66 -21.66 24.94
N GLY C 32 10.30 -20.53 24.74
CA GLY C 32 9.60 -19.25 24.73
C GLY C 32 9.30 -18.78 23.32
N LYS C 33 8.24 -17.99 23.19
CA LYS C 33 7.90 -17.33 21.94
C LYS C 33 8.10 -15.83 22.08
N THR C 34 8.15 -15.14 20.95
CA THR C 34 8.42 -13.71 20.97
C THR C 34 8.00 -13.10 19.64
N LYS C 35 7.41 -11.92 19.71
CA LYS C 35 7.06 -11.14 18.52
C LYS C 35 7.33 -9.67 18.82
N GLU C 36 8.30 -9.09 18.11
CA GLU C 36 8.65 -7.69 18.32
C GLU C 36 8.59 -6.98 16.97
N GLY C 37 7.61 -6.11 16.80
CA GLY C 37 7.48 -5.38 15.56
C GLY C 37 6.87 -6.23 14.47
N VAL C 38 5.67 -6.73 14.72
CA VAL C 38 4.93 -7.55 13.76
C VAL C 38 3.72 -6.77 13.31
N LEU C 39 3.47 -6.76 11.99
CA LEU C 39 2.37 -5.99 11.43
C LEU C 39 1.66 -6.84 10.38
N TYR C 40 0.40 -7.15 10.62
CA TYR C 40 -0.44 -7.85 9.66
C TYR C 40 -1.41 -6.87 9.02
N VAL C 41 -1.60 -7.00 7.72
CA VAL C 41 -2.55 -6.19 6.98
C VAL C 41 -3.36 -7.11 6.09
N GLY C 42 -4.64 -7.28 6.40
CA GLY C 42 -5.50 -8.11 5.58
C GLY C 42 -5.09 -9.55 5.50
N SER C 43 -4.24 -10.02 6.41
CA SER C 43 -3.74 -11.38 6.37
C SER C 43 -4.58 -12.28 7.26
N LYS C 44 -4.40 -13.59 7.07
CA LYS C 44 -5.12 -14.58 7.86
C LYS C 44 -4.16 -15.70 8.21
N THR C 45 -3.93 -15.90 9.50
CA THR C 45 -2.92 -16.84 9.96
C THR C 45 -3.55 -17.87 10.89
N LYS C 46 -2.73 -18.89 11.22
CA LYS C 46 -3.13 -19.93 12.17
C LYS C 46 -1.83 -20.52 12.71
N GLU C 47 -1.46 -20.13 13.91
CA GLU C 47 -0.15 -20.42 14.46
C GLU C 47 -0.28 -21.25 15.73
N GLY C 48 0.61 -22.23 15.88
CA GLY C 48 0.75 -22.94 17.13
C GLY C 48 -0.49 -23.64 17.63
N VAL C 49 -0.95 -24.66 16.92
CA VAL C 49 -2.09 -25.44 17.39
C VAL C 49 -1.63 -26.87 17.62
N VAL C 50 -2.28 -27.53 18.56
CA VAL C 50 -2.05 -28.95 18.85
C VAL C 50 -3.40 -29.62 18.87
N HIS C 51 -3.60 -30.58 17.98
CA HIS C 51 -4.93 -31.09 17.70
C HIS C 51 -4.90 -32.60 17.55
N GLY C 52 -5.88 -33.26 18.13
CA GLY C 52 -6.04 -34.70 17.95
C GLY C 52 -4.90 -35.53 18.46
N VAL C 53 -4.72 -35.55 19.78
CA VAL C 53 -3.67 -36.33 20.42
C VAL C 53 -4.32 -37.45 21.22
N ALA C 54 -3.82 -38.67 21.05
CA ALA C 54 -4.29 -39.82 21.79
C ALA C 54 -3.12 -40.52 22.44
N THR C 55 -3.40 -41.22 23.54
CA THR C 55 -2.36 -41.92 24.27
C THR C 55 -3.01 -43.04 25.07
N VAL C 56 -2.60 -44.27 24.81
CA VAL C 56 -3.19 -45.44 25.46
C VAL C 56 -2.09 -46.21 26.16
N ALA C 57 -2.42 -46.75 27.33
CA ALA C 57 -1.52 -47.60 28.08
C ALA C 57 -2.30 -48.80 28.57
N GLU C 58 -1.64 -49.94 28.64
CA GLU C 58 -2.30 -51.16 29.10
C GLU C 58 -1.26 -52.12 29.64
N LYS C 59 -1.35 -52.43 30.93
CA LYS C 59 -0.45 -53.37 31.59
C LYS C 59 1.01 -52.98 31.45
N THR C 60 1.28 -51.72 31.12
CA THR C 60 2.65 -51.24 31.00
C THR C 60 3.14 -50.73 32.35
N LYS C 61 4.45 -50.74 32.51
CA LYS C 61 5.05 -50.36 33.79
C LYS C 61 5.40 -48.88 33.87
N GLU C 62 5.54 -48.21 32.72
CA GLU C 62 5.89 -46.79 32.73
C GLU C 62 5.70 -46.23 31.34
N GLN C 63 5.15 -45.02 31.25
CA GLN C 63 4.96 -44.36 29.97
C GLN C 63 5.06 -42.86 30.19
N VAL C 64 6.03 -42.22 29.55
CA VAL C 64 6.25 -40.78 29.68
C VAL C 64 6.19 -40.20 28.28
N THR C 65 5.20 -39.34 28.03
CA THR C 65 5.00 -38.76 26.72
C THR C 65 4.90 -37.25 26.84
N ASN C 66 5.44 -36.54 25.85
CA ASN C 66 5.34 -35.09 25.76
C ASN C 66 4.95 -34.72 24.34
N VAL C 67 3.90 -33.92 24.21
CA VAL C 67 3.48 -33.38 22.93
C VAL C 67 3.33 -31.88 23.10
N GLY C 68 3.69 -31.12 22.08
CA GLY C 68 3.57 -29.68 22.18
C GLY C 68 4.19 -28.98 21.01
N GLY C 69 4.13 -27.65 21.07
CA GLY C 69 4.82 -26.86 20.07
C GLY C 69 6.32 -26.86 20.27
N ALA C 70 6.77 -26.98 21.51
CA ALA C 70 8.20 -27.03 21.81
C ALA C 70 8.37 -27.77 23.13
N VAL C 71 9.07 -28.89 23.09
CA VAL C 71 9.28 -29.74 24.27
C VAL C 71 10.75 -29.62 24.66
N VAL C 72 11.00 -29.25 25.91
CA VAL C 72 12.34 -29.13 26.44
C VAL C 72 12.42 -29.99 27.68
N THR C 73 13.23 -31.05 27.63
CA THR C 73 13.40 -31.98 28.74
C THR C 73 14.90 -32.12 28.98
N GLY C 74 15.45 -31.21 29.75
CA GLY C 74 16.88 -31.23 29.98
C GLY C 74 17.30 -30.06 30.83
N VAL C 75 18.59 -29.75 30.77
CA VAL C 75 19.19 -28.69 31.58
C VAL C 75 19.55 -27.54 30.65
N THR C 76 19.09 -26.35 31.00
CA THR C 76 19.44 -25.12 30.29
C THR C 76 20.04 -24.19 31.34
N ALA C 77 21.35 -24.29 31.53
CA ALA C 77 22.03 -23.59 32.61
C ALA C 77 23.01 -22.57 32.07
N VAL C 78 23.24 -21.51 32.86
CA VAL C 78 24.23 -20.50 32.56
C VAL C 78 25.01 -20.24 33.84
N ALA C 79 26.33 -20.10 33.71
CA ALA C 79 27.19 -19.84 34.86
C ALA C 79 28.19 -18.77 34.47
N GLN C 80 28.20 -17.67 35.20
CA GLN C 80 29.10 -16.56 34.92
C GLN C 80 29.96 -16.27 36.14
N LYS C 81 31.12 -15.68 35.90
CA LYS C 81 32.03 -15.32 36.98
C LYS C 81 32.99 -14.27 36.46
N THR C 82 33.00 -13.10 37.08
CA THR C 82 33.85 -11.98 36.68
C THR C 82 33.59 -11.61 35.21
N VAL C 83 32.31 -11.47 34.88
CA VAL C 83 31.87 -11.05 33.56
C VAL C 83 31.50 -9.58 33.65
N GLU C 84 31.88 -8.81 32.65
CA GLU C 84 31.80 -7.35 32.74
C GLU C 84 31.43 -6.77 31.39
N GLY C 85 30.23 -6.20 31.30
CA GLY C 85 29.92 -5.28 30.22
C GLY C 85 29.14 -5.86 29.06
N ALA C 86 27.83 -5.65 29.05
CA ALA C 86 27.02 -5.93 27.88
C ALA C 86 25.86 -4.93 27.91
N GLY C 87 26.06 -3.79 27.25
CA GLY C 87 25.08 -2.74 27.28
C GLY C 87 25.10 -1.98 25.97
N SER C 88 23.93 -1.47 25.60
CA SER C 88 23.77 -0.71 24.36
C SER C 88 23.76 0.77 24.71
N ILE C 89 24.73 1.51 24.14
CA ILE C 89 24.88 2.93 24.39
C ILE C 89 24.56 3.67 23.09
N ALA C 90 23.90 4.81 23.21
CA ALA C 90 23.58 5.65 22.05
C ALA C 90 23.79 7.10 22.44
N ALA C 91 24.66 7.78 21.71
CA ALA C 91 24.96 9.18 21.97
C ALA C 91 24.73 9.98 20.71
N ALA C 92 24.10 11.15 20.86
CA ALA C 92 23.81 12.02 19.74
C ALA C 92 24.05 13.45 20.15
N THR C 93 24.62 14.23 19.24
CA THR C 93 24.93 15.64 19.49
C THR C 93 24.82 16.41 18.19
N GLY C 94 24.13 17.54 18.22
CA GLY C 94 23.91 18.29 17.01
C GLY C 94 23.60 19.74 17.30
N PHE C 95 23.80 20.58 16.28
CA PHE C 95 23.47 21.99 16.35
C PHE C 95 24.16 22.67 17.52
N VAL C 96 25.48 22.48 17.58
CA VAL C 96 26.32 23.10 18.58
C VAL C 96 27.08 24.23 17.91
N LYS C 97 27.14 25.39 18.56
CA LYS C 97 27.86 26.54 18.04
C LYS C 97 28.85 26.98 19.11
N LYS C 98 30.02 26.33 19.12
CA LYS C 98 31.09 26.70 20.02
C LYS C 98 31.96 27.75 19.35
N ASP C 99 31.84 28.99 19.82
CA ASP C 99 32.48 30.13 19.18
C ASP C 99 33.55 30.71 20.09
N MET D 2 -2.08 -4.33 -3.88
CA MET D 2 -2.66 -3.12 -4.42
C MET D 2 -3.55 -3.41 -5.61
N ASP D 3 -4.79 -3.81 -5.36
CA ASP D 3 -5.75 -4.07 -6.42
C ASP D 3 -6.54 -2.81 -6.71
N VAL D 4 -6.29 -2.17 -7.85
CA VAL D 4 -6.74 -0.79 -8.00
C VAL D 4 -8.03 -0.68 -8.79
N PHE D 5 -8.01 -1.07 -10.06
CA PHE D 5 -9.20 -0.94 -10.91
C PHE D 5 -9.72 -2.31 -11.29
N MET D 6 -10.94 -2.61 -10.88
CA MET D 6 -11.50 -3.93 -11.09
C MET D 6 -12.95 -3.81 -11.52
N LYS D 7 -13.39 -4.70 -12.40
CA LYS D 7 -14.78 -4.77 -12.85
C LYS D 7 -15.12 -6.25 -12.92
N GLY D 8 -15.64 -6.80 -11.82
CA GLY D 8 -15.96 -8.20 -11.77
C GLY D 8 -15.73 -8.79 -10.39
N LEU D 9 -15.20 -10.01 -10.33
CA LEU D 9 -14.92 -10.64 -9.05
C LEU D 9 -13.45 -10.49 -8.71
N SER D 10 -13.17 -10.00 -7.51
CA SER D 10 -11.81 -9.84 -7.02
C SER D 10 -11.74 -10.48 -5.64
N LYS D 11 -11.02 -11.60 -5.54
CA LYS D 11 -10.96 -12.38 -4.31
C LYS D 11 -12.35 -12.77 -3.83
N ALA D 12 -13.17 -13.29 -4.75
CA ALA D 12 -14.55 -13.59 -4.44
C ALA D 12 -14.91 -14.97 -4.94
N LYS D 13 -16.17 -15.34 -4.76
CA LYS D 13 -16.70 -16.63 -5.17
C LYS D 13 -18.14 -16.47 -5.60
N GLU D 14 -18.51 -17.15 -6.68
CA GLU D 14 -19.90 -17.33 -7.06
C GLU D 14 -20.60 -15.99 -7.28
N GLY D 15 -20.14 -15.26 -8.28
CA GLY D 15 -20.65 -13.95 -8.58
C GLY D 15 -21.30 -13.90 -9.96
N VAL D 16 -22.30 -13.03 -10.09
CA VAL D 16 -22.94 -12.73 -11.36
C VAL D 16 -22.92 -11.22 -11.50
N VAL D 17 -22.02 -10.71 -12.33
CA VAL D 17 -21.78 -9.27 -12.45
C VAL D 17 -22.06 -8.84 -13.87
N ALA D 18 -22.75 -7.70 -14.01
CA ALA D 18 -23.02 -7.10 -15.30
C ALA D 18 -22.73 -5.61 -15.20
N ALA D 19 -21.79 -5.13 -16.01
CA ALA D 19 -21.36 -3.75 -15.97
C ALA D 19 -21.45 -3.14 -17.37
N ALA D 20 -22.09 -1.98 -17.46
CA ALA D 20 -22.19 -1.23 -18.70
C ALA D 20 -21.15 -0.11 -18.67
N GLU D 21 -21.17 0.73 -19.71
CA GLU D 21 -20.19 1.79 -19.80
C GLU D 21 -20.83 2.99 -20.50
N LYS D 22 -20.08 4.08 -20.60
CA LYS D 22 -20.61 5.35 -21.04
C LYS D 22 -21.08 5.30 -22.48
N THR D 23 -21.94 6.25 -22.84
CA THR D 23 -22.44 6.40 -24.19
C THR D 23 -22.34 7.86 -24.61
N LYS D 24 -22.31 8.08 -25.92
CA LYS D 24 -22.30 9.43 -26.47
C LYS D 24 -23.09 9.42 -27.77
N GLN D 25 -24.03 10.35 -27.88
CA GLN D 25 -24.84 10.49 -29.09
C GLN D 25 -25.04 11.97 -29.33
N GLY D 26 -24.42 12.50 -30.37
CA GLY D 26 -24.54 13.92 -30.65
C GLY D 26 -23.78 14.76 -29.66
N VAL D 27 -22.46 14.61 -29.65
CA VAL D 27 -21.59 15.35 -28.74
C VAL D 27 -20.58 16.11 -29.57
N ALA D 28 -20.36 17.38 -29.22
CA ALA D 28 -19.35 18.20 -29.87
C ALA D 28 -18.47 18.80 -28.79
N GLU D 29 -17.26 18.27 -28.66
CA GLU D 29 -16.29 18.75 -27.69
C GLU D 29 -15.22 19.56 -28.42
N ALA D 30 -14.64 20.52 -27.72
CA ALA D 30 -13.60 21.36 -28.29
C ALA D 30 -12.55 21.65 -27.22
N ALA D 31 -11.32 21.22 -27.48
CA ALA D 31 -10.19 21.51 -26.61
C ALA D 31 -10.42 21.04 -25.18
N GLY D 32 -10.96 19.86 -25.02
CA GLY D 32 -11.19 19.27 -23.72
C GLY D 32 -10.10 18.28 -23.35
N LYS D 33 -9.88 18.13 -22.04
CA LYS D 33 -8.98 17.13 -21.51
C LYS D 33 -9.79 16.08 -20.76
N THR D 34 -9.16 14.93 -20.50
CA THR D 34 -9.86 13.83 -19.87
C THR D 34 -8.84 12.85 -19.30
N LYS D 35 -9.14 12.32 -18.12
CA LYS D 35 -8.33 11.27 -17.49
C LYS D 35 -9.28 10.30 -16.82
N GLU D 36 -9.33 9.07 -17.31
CA GLU D 36 -10.20 8.04 -16.74
C GLU D 36 -9.36 6.82 -16.40
N GLY D 37 -9.17 6.57 -15.12
CA GLY D 37 -8.40 5.41 -14.70
C GLY D 37 -6.92 5.67 -14.83
N VAL D 38 -6.43 6.69 -14.15
CA VAL D 38 -5.02 7.05 -14.14
C VAL D 38 -4.47 6.79 -12.75
N LEU D 39 -3.30 6.17 -12.69
CA LEU D 39 -2.69 5.80 -11.41
C LEU D 39 -1.21 6.12 -11.45
N TYR D 40 -0.77 7.03 -10.59
CA TYR D 40 0.64 7.37 -10.44
C TYR D 40 1.17 6.76 -9.15
N VAL D 41 2.37 6.20 -9.21
CA VAL D 41 3.02 5.65 -8.03
C VAL D 41 4.46 6.15 -8.03
N GLY D 42 4.79 7.01 -7.07
CA GLY D 42 6.13 7.52 -6.96
C GLY D 42 6.62 8.29 -8.16
N SER D 43 5.72 8.74 -9.02
CA SER D 43 6.10 9.45 -10.24
C SER D 43 6.07 10.95 -10.01
N LYS D 44 6.68 11.68 -10.95
CA LYS D 44 6.73 13.14 -10.89
C LYS D 44 6.50 13.68 -12.28
N THR D 45 5.43 14.44 -12.46
CA THR D 45 5.02 14.90 -13.77
C THR D 45 4.92 16.42 -13.80
N LYS D 46 4.74 16.95 -15.01
CA LYS D 46 4.53 18.38 -15.22
C LYS D 46 3.81 18.51 -16.55
N GLU D 47 2.51 18.75 -16.50
CA GLU D 47 1.66 18.68 -17.67
C GLU D 47 0.99 20.03 -17.93
N GLY D 48 0.92 20.40 -19.20
CA GLY D 48 0.11 21.53 -19.61
C GLY D 48 0.49 22.85 -18.98
N VAL D 49 1.67 23.37 -19.29
CA VAL D 49 2.06 24.68 -18.80
C VAL D 49 2.26 25.60 -19.99
N VAL D 50 2.01 26.89 -19.78
CA VAL D 50 2.25 27.92 -20.77
C VAL D 50 3.05 29.02 -20.09
N HIS D 51 4.25 29.28 -20.59
CA HIS D 51 5.23 30.06 -19.86
C HIS D 51 5.94 31.01 -20.80
N GLY D 52 6.14 32.24 -20.35
CA GLY D 52 6.93 33.20 -21.08
C GLY D 52 6.37 33.56 -22.44
N VAL D 53 5.23 34.24 -22.47
CA VAL D 53 4.60 34.67 -23.70
C VAL D 53 4.66 36.19 -23.77
N ALA D 54 5.07 36.72 -24.91
CA ALA D 54 5.13 38.15 -25.13
C ALA D 54 4.41 38.48 -26.43
N THR D 55 3.89 39.70 -26.51
CA THR D 55 3.16 40.14 -27.69
C THR D 55 3.22 41.66 -27.75
N VAL D 56 3.76 42.19 -28.83
CA VAL D 56 3.94 43.63 -28.99
C VAL D 56 3.23 44.07 -30.26
N ALA D 57 2.61 45.25 -30.20
CA ALA D 57 1.98 45.86 -31.34
C ALA D 57 2.38 47.32 -31.39
N GLU D 58 2.52 47.87 -32.58
CA GLU D 58 2.90 49.26 -32.73
C GLU D 58 2.43 49.76 -34.08
N LYS D 59 1.53 50.74 -34.07
CA LYS D 59 1.00 51.37 -35.27
C LYS D 59 0.36 50.36 -36.21
N THR D 60 0.03 49.18 -35.72
CA THR D 60 -0.63 48.17 -36.54
C THR D 60 -2.13 48.35 -36.49
N LYS D 61 -2.80 47.87 -37.54
CA LYS D 61 -4.23 48.04 -37.66
C LYS D 61 -5.03 46.90 -37.05
N GLU D 62 -4.43 45.73 -36.88
CA GLU D 62 -5.15 44.60 -36.32
C GLU D 62 -4.15 43.51 -35.96
N GLN D 63 -4.35 42.86 -34.83
CA GLN D 63 -3.50 41.76 -34.41
C GLN D 63 -4.31 40.80 -33.56
N VAL D 64 -4.44 39.56 -34.02
CA VAL D 64 -5.21 38.53 -33.33
C VAL D 64 -4.27 37.37 -33.08
N THR D 65 -4.02 37.07 -31.81
CA THR D 65 -3.10 36.02 -31.43
C THR D 65 -3.76 35.08 -30.44
N ASN D 66 -3.45 33.79 -30.56
CA ASN D 66 -3.92 32.78 -29.62
C ASN D 66 -2.75 31.90 -29.23
N VAL D 67 -2.54 31.75 -27.93
CA VAL D 67 -1.55 30.83 -27.40
C VAL D 67 -2.23 29.95 -26.38
N GLY D 68 -1.84 28.69 -26.32
CA GLY D 68 -2.45 27.79 -25.36
C GLY D 68 -2.02 26.37 -25.55
N GLY D 69 -2.58 25.51 -24.71
CA GLY D 69 -2.36 24.09 -24.89
C GLY D 69 -3.13 23.53 -26.07
N ALA D 70 -4.28 24.11 -26.37
CA ALA D 70 -5.09 23.68 -27.51
C ALA D 70 -5.93 24.86 -27.95
N VAL D 71 -5.74 25.29 -29.19
CA VAL D 71 -6.45 26.44 -29.74
C VAL D 71 -7.41 25.94 -30.80
N VAL D 72 -8.68 26.27 -30.66
CA VAL D 72 -9.71 25.88 -31.61
C VAL D 72 -10.42 27.14 -32.06
N THR D 73 -10.27 27.49 -33.33
CA THR D 73 -10.87 28.69 -33.91
C THR D 73 -11.62 28.25 -35.16
N GLY D 74 -12.85 27.80 -34.98
CA GLY D 74 -13.60 27.30 -36.12
C GLY D 74 -14.94 26.78 -35.68
N VAL D 75 -15.54 25.95 -36.53
CA VAL D 75 -16.86 25.40 -36.29
C VAL D 75 -16.72 23.92 -35.99
N THR D 76 -17.31 23.49 -34.88
CA THR D 76 -17.36 22.08 -34.50
C THR D 76 -18.84 21.75 -34.33
N ALA D 77 -19.49 21.34 -35.41
CA ALA D 77 -20.92 21.16 -35.42
C ALA D 77 -21.29 19.70 -35.66
N VAL D 78 -22.44 19.31 -35.14
CA VAL D 78 -23.02 18.00 -35.35
C VAL D 78 -24.49 18.17 -35.69
N ALA D 79 -24.97 17.42 -36.67
CA ALA D 79 -26.36 17.50 -37.08
C ALA D 79 -26.88 16.09 -37.30
N GLN D 80 -27.94 15.73 -36.57
CA GLN D 80 -28.51 14.40 -36.66
C GLN D 80 -29.97 14.51 -37.05
N LYS D 81 -30.49 13.43 -37.66
CA LYS D 81 -31.88 13.38 -38.06
C LYS D 81 -32.27 11.92 -38.26
N THR D 82 -33.26 11.45 -37.50
CA THR D 82 -33.71 10.07 -37.56
C THR D 82 -32.56 9.12 -37.28
N VAL D 83 -31.83 9.40 -36.21
CA VAL D 83 -30.73 8.57 -35.73
C VAL D 83 -31.26 7.75 -34.56
N GLU D 84 -30.89 6.48 -34.51
CA GLU D 84 -31.52 5.55 -33.57
C GLU D 84 -30.50 4.56 -33.06
N GLY D 85 -30.17 4.64 -31.78
CA GLY D 85 -29.54 3.55 -31.10
C GLY D 85 -28.03 3.64 -30.93
N ALA D 86 -27.58 4.07 -29.76
CA ALA D 86 -26.17 3.98 -29.39
C ALA D 86 -26.14 3.81 -27.87
N GLY D 87 -26.14 2.56 -27.43
CA GLY D 87 -26.18 2.28 -26.01
C GLY D 87 -25.43 1.01 -25.70
N SER D 88 -24.85 0.97 -24.51
CA SER D 88 -24.09 -0.18 -24.05
C SER D 88 -24.96 -1.02 -23.14
N ILE D 89 -25.18 -2.27 -23.51
CA ILE D 89 -26.01 -3.19 -22.77
C ILE D 89 -25.14 -4.29 -22.21
N ALA D 90 -25.41 -4.73 -20.99
CA ALA D 90 -24.67 -5.81 -20.36
C ALA D 90 -25.66 -6.70 -19.63
N ALA D 91 -25.70 -7.97 -19.99
CA ALA D 91 -26.59 -8.93 -19.37
C ALA D 91 -25.78 -10.10 -18.83
N ALA D 92 -26.12 -10.54 -17.63
CA ALA D 92 -25.43 -11.65 -16.98
C ALA D 92 -26.45 -12.54 -16.28
N THR D 93 -26.25 -13.84 -16.37
CA THR D 93 -27.15 -14.81 -15.75
C THR D 93 -26.35 -16.03 -15.34
N GLY D 94 -26.54 -16.49 -14.12
CA GLY D 94 -25.77 -17.60 -13.61
C GLY D 94 -26.46 -18.30 -12.47
N PHE D 95 -26.05 -19.54 -12.25
CA PHE D 95 -26.53 -20.36 -11.13
C PHE D 95 -28.06 -20.48 -11.16
N VAL D 96 -28.55 -20.88 -12.32
CA VAL D 96 -29.97 -21.14 -12.52
C VAL D 96 -30.18 -22.64 -12.53
N LYS D 97 -31.21 -23.10 -11.82
CA LYS D 97 -31.54 -24.52 -11.75
C LYS D 97 -32.99 -24.68 -12.19
N LYS D 98 -33.20 -24.73 -13.50
CA LYS D 98 -34.52 -24.97 -14.06
C LYS D 98 -34.75 -26.48 -14.18
N ASP D 99 -35.58 -27.01 -13.30
CA ASP D 99 -35.78 -28.45 -13.21
C ASP D 99 -37.19 -28.82 -13.62
N MET E 2 -4.72 -2.43 -0.39
CA MET E 2 -5.28 -1.20 -0.92
C MET E 2 -6.17 -1.48 -2.13
N ASP E 3 -7.42 -1.86 -1.87
CA ASP E 3 -8.38 -2.11 -2.94
C ASP E 3 -9.15 -0.82 -3.22
N VAL E 4 -8.89 -0.19 -4.35
CA VAL E 4 -9.32 1.20 -4.51
C VAL E 4 -10.61 1.33 -5.31
N PHE E 5 -10.59 0.95 -6.58
CA PHE E 5 -11.76 1.11 -7.43
C PHE E 5 -12.29 -0.26 -7.82
N MET E 6 -13.53 -0.54 -7.43
CA MET E 6 -14.10 -1.85 -7.65
C MET E 6 -15.55 -1.71 -8.09
N LYS E 7 -15.98 -2.60 -8.98
CA LYS E 7 -17.37 -2.64 -9.42
C LYS E 7 -17.74 -4.11 -9.51
N GLY E 8 -18.26 -4.67 -8.43
CA GLY E 8 -18.59 -6.07 -8.38
C GLY E 8 -18.38 -6.68 -7.02
N LEU E 9 -17.87 -7.90 -6.95
CA LEU E 9 -17.61 -8.55 -5.68
C LEU E 9 -16.14 -8.42 -5.33
N SER E 10 -15.85 -7.94 -4.13
CA SER E 10 -14.50 -7.80 -3.63
C SER E 10 -14.44 -8.45 -2.26
N LYS E 11 -13.74 -9.58 -2.16
CA LYS E 11 -13.69 -10.37 -0.94
C LYS E 11 -15.09 -10.75 -0.47
N ALA E 12 -15.91 -11.25 -1.40
CA ALA E 12 -17.29 -11.53 -1.09
C ALA E 12 -17.66 -12.91 -1.61
N LYS E 13 -18.93 -13.26 -1.44
CA LYS E 13 -19.47 -14.54 -1.87
C LYS E 13 -20.91 -14.37 -2.29
N GLU E 14 -21.28 -15.03 -3.39
CA GLU E 14 -22.67 -15.19 -3.78
C GLU E 14 -23.35 -13.84 -3.99
N GLY E 15 -22.88 -13.11 -4.99
CA GLY E 15 -23.39 -11.79 -5.28
C GLY E 15 -24.01 -11.71 -6.65
N VAL E 16 -25.01 -10.83 -6.78
CA VAL E 16 -25.63 -10.52 -8.06
C VAL E 16 -25.59 -9.01 -8.18
N VAL E 17 -24.68 -8.50 -9.00
CA VAL E 17 -24.42 -7.07 -9.10
C VAL E 17 -24.70 -6.62 -10.52
N ALA E 18 -25.37 -5.47 -10.65
CA ALA E 18 -25.63 -4.85 -11.94
C ALA E 18 -25.32 -3.37 -11.83
N ALA E 19 -24.36 -2.90 -12.63
CA ALA E 19 -23.94 -1.52 -12.58
C ALA E 19 -24.00 -0.90 -13.97
N ALA E 20 -24.63 0.27 -14.06
CA ALA E 20 -24.70 1.02 -15.29
C ALA E 20 -23.67 2.13 -15.26
N GLU E 21 -23.65 2.98 -16.28
CA GLU E 21 -22.67 4.04 -16.36
C GLU E 21 -23.29 5.25 -17.05
N LYS E 22 -22.53 6.33 -17.13
CA LYS E 22 -23.04 7.62 -17.56
C LYS E 22 -23.50 7.58 -19.01
N THR E 23 -24.36 8.54 -19.37
CA THR E 23 -24.84 8.71 -20.73
C THR E 23 -24.71 10.17 -21.12
N LYS E 24 -24.67 10.40 -22.43
CA LYS E 24 -24.65 11.76 -22.97
C LYS E 24 -25.44 11.77 -24.27
N GLN E 25 -26.37 12.71 -24.39
CA GLN E 25 -27.16 12.86 -25.60
C GLN E 25 -27.36 14.36 -25.83
N GLY E 26 -26.72 14.89 -26.87
CA GLY E 26 -26.82 16.31 -27.13
C GLY E 26 -26.05 17.13 -26.12
N VAL E 27 -24.73 16.96 -26.11
CA VAL E 27 -23.86 17.69 -25.19
C VAL E 27 -22.83 18.44 -26.01
N ALA E 28 -22.61 19.71 -25.64
CA ALA E 28 -21.59 20.53 -26.28
C ALA E 28 -20.70 21.09 -25.19
N GLU E 29 -19.50 20.55 -25.06
CA GLU E 29 -18.53 21.02 -24.08
C GLU E 29 -17.45 21.82 -24.79
N ALA E 30 -16.86 22.77 -24.08
CA ALA E 30 -15.80 23.61 -24.64
C ALA E 30 -14.76 23.87 -23.57
N ALA E 31 -13.54 23.42 -23.81
CA ALA E 31 -12.40 23.71 -22.94
C ALA E 31 -12.65 23.23 -21.51
N GLY E 32 -13.20 22.03 -21.38
CA GLY E 32 -13.44 21.44 -20.08
C GLY E 32 -12.37 20.44 -19.70
N LYS E 33 -12.16 20.27 -18.40
CA LYS E 33 -11.28 19.27 -17.86
C LYS E 33 -12.10 18.21 -17.14
N THR E 34 -11.48 17.06 -16.88
CA THR E 34 -12.20 15.95 -16.27
C THR E 34 -11.20 14.97 -15.70
N LYS E 35 -11.51 14.42 -14.52
CA LYS E 35 -10.72 13.37 -13.91
C LYS E 35 -11.68 12.40 -13.23
N GLU E 36 -11.73 11.17 -13.74
CA GLU E 36 -12.62 10.15 -13.19
C GLU E 36 -11.79 8.92 -12.85
N GLY E 37 -11.62 8.64 -11.57
CA GLY E 37 -10.87 7.49 -11.17
C GLY E 37 -9.38 7.72 -11.27
N VAL E 38 -8.88 8.74 -10.59
CA VAL E 38 -7.47 9.08 -10.57
C VAL E 38 -6.93 8.80 -9.17
N LEU E 39 -5.76 8.16 -9.11
CA LEU E 39 -5.17 7.77 -7.83
C LEU E 39 -3.68 8.08 -7.86
N TYR E 40 -3.24 8.98 -7.00
CA TYR E 40 -1.83 9.29 -6.84
C TYR E 40 -1.32 8.67 -5.55
N VAL E 41 -0.12 8.10 -5.60
CA VAL E 41 0.52 7.52 -4.43
C VAL E 41 1.96 8.02 -4.41
N GLY E 42 2.29 8.87 -3.44
CA GLY E 42 3.64 9.36 -3.32
C GLY E 42 4.15 10.13 -4.51
N SER E 43 3.26 10.60 -5.38
CA SER E 43 3.65 11.31 -6.58
C SER E 43 3.64 12.81 -6.34
N LYS E 44 4.25 13.54 -7.27
CA LYS E 44 4.33 14.99 -7.20
C LYS E 44 4.12 15.55 -8.59
N THR E 45 3.05 16.33 -8.76
CA THR E 45 2.66 16.81 -10.07
C THR E 45 2.58 18.33 -10.09
N LYS E 46 2.41 18.87 -11.30
CA LYS E 46 2.22 20.30 -11.50
C LYS E 46 1.50 20.45 -12.84
N GLU E 47 0.21 20.70 -12.78
CA GLU E 47 -0.65 20.65 -13.96
C GLU E 47 -1.29 22.01 -14.21
N GLY E 48 -1.36 22.40 -15.48
CA GLY E 48 -2.15 23.54 -15.88
C GLY E 48 -1.75 24.86 -15.24
N VAL E 49 -0.56 25.36 -15.54
CA VAL E 49 -0.16 26.66 -15.04
C VAL E 49 0.06 27.59 -16.22
N VAL E 50 -0.18 28.87 -15.99
CA VAL E 50 0.07 29.92 -16.98
C VAL E 50 0.89 31.00 -16.28
N HIS E 51 2.09 31.24 -16.77
CA HIS E 51 3.07 32.01 -16.03
C HIS E 51 3.81 32.96 -16.96
N GLY E 52 4.02 34.18 -16.49
CA GLY E 52 4.82 35.15 -17.22
C GLY E 52 4.27 35.53 -18.58
N VAL E 53 3.13 36.21 -18.60
CA VAL E 53 2.51 36.67 -19.84
C VAL E 53 2.59 38.19 -19.89
N ALA E 54 3.03 38.72 -21.03
CA ALA E 54 3.10 40.15 -21.24
C ALA E 54 2.39 40.50 -22.53
N THR E 55 1.89 41.73 -22.61
CA THR E 55 1.16 42.19 -23.79
C THR E 55 1.24 43.69 -23.83
N VAL E 56 1.80 44.24 -24.91
CA VAL E 56 2.00 45.67 -25.05
C VAL E 56 1.30 46.13 -26.32
N ALA E 57 0.70 47.31 -26.25
CA ALA E 57 0.07 47.95 -27.40
C ALA E 57 0.49 49.40 -27.42
N GLU E 58 0.64 49.95 -28.62
CA GLU E 58 1.03 51.35 -28.75
C GLU E 58 0.58 51.86 -30.10
N LYS E 59 -0.31 52.85 -30.08
CA LYS E 59 -0.82 53.49 -31.28
C LYS E 59 -1.47 52.50 -32.24
N THR E 60 -1.82 51.32 -31.76
CA THR E 60 -2.48 50.33 -32.58
C THR E 60 -3.99 50.53 -32.55
N LYS E 61 -4.65 50.07 -33.60
CA LYS E 61 -6.08 50.25 -33.72
C LYS E 61 -6.90 49.11 -33.14
N GLU E 62 -6.31 47.93 -32.97
CA GLU E 62 -7.04 46.81 -32.42
C GLU E 62 -6.05 45.70 -32.08
N GLN E 63 -6.27 45.05 -30.94
CA GLN E 63 -5.44 43.93 -30.52
C GLN E 63 -6.26 42.98 -29.70
N VAL E 64 -6.40 41.75 -30.17
CA VAL E 64 -7.19 40.73 -29.49
C VAL E 64 -6.28 39.54 -29.24
N THR E 65 -6.03 39.23 -27.98
CA THR E 65 -5.12 38.17 -27.60
C THR E 65 -5.80 37.23 -26.62
N ASN E 66 -5.50 35.94 -26.74
CA ASN E 66 -5.98 34.92 -25.82
C ASN E 66 -4.83 34.02 -25.43
N VAL E 67 -4.63 33.85 -24.13
CA VAL E 67 -3.64 32.93 -23.60
C VAL E 67 -4.34 32.04 -22.59
N GLY E 68 -3.98 30.77 -22.54
CA GLY E 68 -4.60 29.89 -21.60
C GLY E 68 -4.18 28.46 -21.80
N GLY E 69 -4.76 27.59 -20.97
CA GLY E 69 -4.56 26.17 -21.16
C GLY E 69 -5.33 25.62 -22.34
N ALA E 70 -6.47 26.23 -22.64
CA ALA E 70 -7.27 25.81 -23.80
C ALA E 70 -8.10 27.00 -24.23
N VAL E 71 -7.90 27.46 -25.46
CA VAL E 71 -8.59 28.61 -26.00
C VAL E 71 -9.54 28.13 -27.08
N VAL E 72 -10.81 28.48 -26.94
CA VAL E 72 -11.84 28.10 -27.89
C VAL E 72 -12.53 29.38 -28.34
N THR E 73 -12.38 29.73 -29.61
CA THR E 73 -12.97 30.94 -30.18
C THR E 73 -13.71 30.53 -31.45
N GLY E 74 -14.95 30.10 -31.28
CA GLY E 74 -15.69 29.61 -32.42
C GLY E 74 -17.05 29.09 -31.99
N VAL E 75 -17.65 28.28 -32.85
CA VAL E 75 -18.98 27.74 -32.63
C VAL E 75 -18.86 26.26 -32.34
N THR E 76 -19.45 25.82 -31.23
CA THR E 76 -19.53 24.41 -30.87
C THR E 76 -21.00 24.10 -30.70
N ALA E 77 -21.65 23.71 -31.79
CA ALA E 77 -23.10 23.54 -31.82
C ALA E 77 -23.47 22.10 -32.07
N VAL E 78 -24.63 21.71 -31.56
CA VAL E 78 -25.23 20.40 -31.79
C VAL E 78 -26.69 20.61 -32.13
N ALA E 79 -27.17 19.87 -33.12
CA ALA E 79 -28.56 19.97 -33.55
C ALA E 79 -29.10 18.56 -33.76
N GLN E 80 -30.15 18.21 -33.05
CA GLN E 80 -30.75 16.89 -33.16
C GLN E 80 -32.21 17.00 -33.56
N LYS E 81 -32.73 15.94 -34.17
CA LYS E 81 -34.12 15.92 -34.59
C LYS E 81 -34.52 14.47 -34.80
N THR E 82 -35.52 14.00 -34.05
CA THR E 82 -36.00 12.63 -34.12
C THR E 82 -34.85 11.65 -33.85
N VAL E 83 -34.13 11.92 -32.76
CA VAL E 83 -33.04 11.07 -32.29
C VAL E 83 -33.58 10.26 -31.12
N GLU E 84 -33.24 8.98 -31.08
CA GLU E 84 -33.88 8.05 -30.15
C GLU E 84 -32.87 7.04 -29.65
N GLY E 85 -32.55 7.11 -28.36
CA GLY E 85 -31.93 5.99 -27.68
C GLY E 85 -30.42 6.07 -27.52
N ALA E 86 -29.98 6.50 -26.34
CA ALA E 86 -28.58 6.38 -25.97
C ALA E 86 -28.55 6.19 -24.44
N GLY E 87 -28.57 4.95 -24.01
CA GLY E 87 -28.63 4.65 -22.60
C GLY E 87 -27.89 3.37 -22.29
N SER E 88 -27.31 3.32 -21.10
CA SER E 88 -26.55 2.15 -20.65
C SER E 88 -27.45 1.31 -19.74
N ILE E 89 -27.69 0.07 -20.13
CA ILE E 89 -28.54 -0.85 -19.40
C ILE E 89 -27.66 -1.97 -18.85
N ALA E 90 -27.96 -2.41 -17.63
CA ALA E 90 -27.24 -3.50 -17.01
C ALA E 90 -28.25 -4.39 -16.29
N ALA E 91 -28.28 -5.66 -16.66
CA ALA E 91 -29.19 -6.61 -16.06
C ALA E 91 -28.40 -7.79 -15.52
N ALA E 92 -28.76 -8.25 -14.33
CA ALA E 92 -28.09 -9.37 -13.68
C ALA E 92 -29.11 -10.24 -13.00
N THR E 93 -28.93 -11.55 -13.10
CA THR E 93 -29.84 -12.51 -12.49
C THR E 93 -29.05 -13.74 -12.08
N GLY E 94 -29.27 -14.21 -10.86
CA GLY E 94 -28.51 -15.34 -10.36
C GLY E 94 -29.21 -16.05 -9.24
N PHE E 95 -28.82 -17.29 -9.01
CA PHE E 95 -29.32 -18.10 -7.91
C PHE E 95 -30.84 -18.21 -7.96
N VAL E 96 -31.34 -18.60 -9.11
CA VAL E 96 -32.76 -18.84 -9.33
C VAL E 96 -32.98 -20.34 -9.35
N LYS E 97 -34.02 -20.79 -8.65
CA LYS E 97 -34.36 -22.21 -8.60
C LYS E 97 -35.81 -22.34 -9.05
N LYS E 98 -36.03 -22.39 -10.35
CA LYS E 98 -37.35 -22.60 -10.93
C LYS E 98 -37.58 -24.10 -11.06
N ASP E 99 -38.43 -24.64 -10.20
CA ASP E 99 -38.64 -26.07 -10.11
C ASP E 99 -40.06 -26.43 -10.54
N MET F 2 -7.37 -0.50 3.14
CA MET F 2 -7.92 0.74 2.61
C MET F 2 -8.80 0.48 1.40
N ASP F 3 -10.06 0.11 1.64
CA ASP F 3 -11.02 -0.12 0.56
C ASP F 3 -11.77 1.17 0.30
N VAL F 4 -11.50 1.82 -0.83
CA VAL F 4 -11.91 3.20 -0.98
C VAL F 4 -13.19 3.36 -1.79
N PHE F 5 -13.16 2.99 -3.06
CA PHE F 5 -14.33 3.16 -3.91
C PHE F 5 -14.88 1.81 -4.33
N MET F 6 -16.12 1.53 -3.93
CA MET F 6 -16.70 0.23 -4.18
C MET F 6 -18.15 0.40 -4.62
N LYS F 7 -18.59 -0.48 -5.51
CA LYS F 7 -19.97 -0.51 -5.97
C LYS F 7 -20.36 -1.98 -6.08
N GLY F 8 -20.90 -2.52 -5.00
CA GLY F 8 -21.24 -3.92 -4.96
C GLY F 8 -21.05 -4.55 -3.60
N LEU F 9 -20.54 -5.77 -3.55
CA LEU F 9 -20.30 -6.44 -2.27
C LEU F 9 -18.82 -6.33 -1.92
N SER F 10 -18.55 -5.87 -0.71
CA SER F 10 -17.19 -5.74 -0.21
C SER F 10 -17.15 -6.40 1.17
N LYS F 11 -16.46 -7.54 1.26
CA LYS F 11 -16.43 -8.34 2.48
C LYS F 11 -17.84 -8.71 2.92
N ALA F 12 -18.65 -9.19 1.99
CA ALA F 12 -20.05 -9.47 2.28
C ALA F 12 -20.43 -10.84 1.76
N LYS F 13 -21.71 -11.17 1.92
CA LYS F 13 -22.25 -12.44 1.48
C LYS F 13 -23.69 -12.25 1.03
N GLU F 14 -24.05 -12.90 -0.06
CA GLU F 14 -25.44 -13.04 -0.46
C GLU F 14 -26.11 -11.68 -0.66
N GLY F 15 -25.62 -10.95 -1.65
CA GLY F 15 -26.11 -9.61 -1.94
C GLY F 15 -26.73 -9.52 -3.31
N VAL F 16 -27.71 -8.64 -3.44
CA VAL F 16 -28.33 -8.30 -4.72
C VAL F 16 -28.27 -6.79 -4.83
N VAL F 17 -27.35 -6.28 -5.64
CA VAL F 17 -27.08 -4.86 -5.72
C VAL F 17 -27.35 -4.39 -7.14
N ALA F 18 -28.00 -3.24 -7.27
CA ALA F 18 -28.24 -2.61 -8.56
C ALA F 18 -27.91 -1.13 -8.43
N ALA F 19 -26.96 -0.66 -9.22
CA ALA F 19 -26.51 0.72 -9.16
C ALA F 19 -26.56 1.34 -10.54
N ALA F 20 -27.17 2.52 -10.62
CA ALA F 20 -27.23 3.30 -11.85
C ALA F 20 -26.18 4.39 -11.80
N GLU F 21 -26.16 5.25 -12.82
CA GLU F 21 -25.16 6.29 -12.88
C GLU F 21 -25.76 7.51 -13.57
N LYS F 22 -24.98 8.58 -13.64
CA LYS F 22 -25.48 9.88 -14.06
C LYS F 22 -25.95 9.86 -15.51
N THR F 23 -26.78 10.83 -15.86
CA THR F 23 -27.25 11.02 -17.22
C THR F 23 -27.12 12.48 -17.61
N LYS F 24 -27.07 12.72 -18.91
CA LYS F 24 -27.01 14.08 -19.45
C LYS F 24 -27.80 14.11 -20.75
N GLN F 25 -28.71 15.06 -20.86
CA GLN F 25 -29.50 15.24 -22.07
C GLN F 25 -29.67 16.74 -22.30
N GLY F 26 -29.03 17.27 -23.32
CA GLY F 26 -29.11 18.69 -23.57
C GLY F 26 -28.34 19.50 -22.55
N VAL F 27 -27.02 19.31 -22.53
CA VAL F 27 -26.15 20.01 -21.61
C VAL F 27 -25.11 20.77 -22.41
N ALA F 28 -24.87 22.02 -22.04
CA ALA F 28 -23.84 22.84 -22.66
C ALA F 28 -22.95 23.40 -21.56
N GLU F 29 -21.76 22.84 -21.43
CA GLU F 29 -20.78 23.29 -20.44
C GLU F 29 -19.70 24.08 -21.14
N ALA F 30 -19.09 25.01 -20.42
CA ALA F 30 -18.03 25.84 -20.97
C ALA F 30 -16.99 26.10 -19.88
N ALA F 31 -15.77 25.63 -20.13
CA ALA F 31 -14.63 25.89 -19.24
C ALA F 31 -14.89 25.41 -17.82
N GLY F 32 -15.46 24.22 -17.71
CA GLY F 32 -15.71 23.62 -16.41
C GLY F 32 -14.65 22.61 -16.04
N LYS F 33 -14.46 22.42 -14.73
CA LYS F 33 -13.58 21.39 -14.20
C LYS F 33 -14.43 20.36 -13.48
N THR F 34 -13.83 19.19 -13.23
CA THR F 34 -14.56 18.09 -12.63
C THR F 34 -13.57 17.08 -12.07
N LYS F 35 -13.89 16.54 -10.89
CA LYS F 35 -13.12 15.46 -10.29
C LYS F 35 -14.10 14.50 -9.63
N GLU F 36 -14.17 13.27 -10.14
CA GLU F 36 -15.06 12.26 -9.60
C GLU F 36 -14.25 11.02 -9.27
N GLY F 37 -14.10 10.74 -7.99
CA GLY F 37 -13.35 9.56 -7.60
C GLY F 37 -11.86 9.78 -7.70
N VAL F 38 -11.35 10.78 -7.00
CA VAL F 38 -9.94 11.11 -6.97
C VAL F 38 -9.40 10.82 -5.57
N LEU F 39 -8.25 10.16 -5.51
CA LEU F 39 -7.67 9.76 -4.23
C LEU F 39 -6.18 10.06 -4.25
N TYR F 40 -5.73 10.94 -3.38
CA TYR F 40 -4.31 11.23 -3.20
C TYR F 40 -3.82 10.60 -1.91
N VAL F 41 -2.63 10.01 -1.97
CA VAL F 41 -2.00 9.42 -0.80
C VAL F 41 -0.56 9.90 -0.76
N GLY F 42 -0.22 10.73 0.22
CA GLY F 42 1.14 11.21 0.34
C GLY F 42 1.66 11.99 -0.84
N SER F 43 0.78 12.47 -1.70
CA SER F 43 1.18 13.19 -2.89
C SER F 43 1.19 14.69 -2.65
N LYS F 44 1.81 15.42 -3.57
CA LYS F 44 1.91 16.86 -3.48
C LYS F 44 1.70 17.44 -4.87
N THR F 45 0.65 18.23 -5.04
CA THR F 45 0.27 18.73 -6.35
C THR F 45 0.21 20.25 -6.36
N LYS F 46 0.05 20.79 -7.56
CA LYS F 46 -0.11 22.23 -7.74
C LYS F 46 -0.82 22.40 -9.09
N GLU F 47 -2.12 22.67 -9.04
CA GLU F 47 -2.96 22.64 -10.22
C GLU F 47 -3.59 24.00 -10.46
N GLY F 48 -3.65 24.40 -11.73
CA GLY F 48 -4.42 25.55 -12.13
C GLY F 48 -4.02 26.86 -11.48
N VAL F 49 -2.83 27.36 -11.77
CA VAL F 49 -2.41 28.65 -11.25
C VAL F 49 -2.17 29.58 -12.42
N VAL F 50 -2.39 30.87 -12.19
CA VAL F 50 -2.13 31.92 -13.16
C VAL F 50 -1.30 32.98 -12.45
N HIS F 51 -0.10 33.21 -12.94
CA HIS F 51 0.89 33.97 -12.18
C HIS F 51 1.64 34.92 -13.09
N GLY F 52 1.85 36.13 -12.62
CA GLY F 52 2.67 37.10 -13.33
C GLY F 52 2.14 37.49 -14.69
N VAL F 53 1.02 38.20 -14.72
CA VAL F 53 0.41 38.66 -15.95
C VAL F 53 0.50 40.18 -15.99
N ALA F 54 0.95 40.72 -17.12
CA ALA F 54 1.04 42.14 -17.32
C ALA F 54 0.33 42.51 -18.61
N THR F 55 -0.15 43.75 -18.68
CA THR F 55 -0.86 44.22 -19.86
C THR F 55 -0.77 45.74 -19.90
N VAL F 56 -0.20 46.28 -20.97
CA VAL F 56 0.02 47.71 -21.10
C VAL F 56 -0.67 48.19 -22.36
N ALA F 57 -1.26 49.38 -22.30
CA ALA F 57 -1.87 50.03 -23.44
C ALA F 57 -1.43 51.48 -23.46
N GLU F 58 -1.28 52.04 -24.64
CA GLU F 58 -0.86 53.42 -24.76
C GLU F 58 -1.30 53.96 -26.10
N LYS F 59 -2.18 54.96 -26.08
CA LYS F 59 -2.67 55.62 -27.28
C LYS F 59 -3.33 54.64 -28.25
N THR F 60 -3.70 53.46 -27.79
CA THR F 60 -4.36 52.48 -28.62
C THR F 60 -5.87 52.70 -28.59
N LYS F 61 -6.53 52.24 -29.65
CA LYS F 61 -7.96 52.46 -29.78
C LYS F 61 -8.79 51.32 -29.21
N GLU F 62 -8.22 50.14 -29.05
CA GLU F 62 -8.96 49.01 -28.51
C GLU F 62 -8.00 47.89 -28.17
N GLN F 63 -8.23 47.23 -27.04
CA GLN F 63 -7.40 46.11 -26.62
C GLN F 63 -8.25 45.15 -25.81
N VAL F 64 -8.39 43.92 -26.30
CA VAL F 64 -9.19 42.91 -25.63
C VAL F 64 -8.29 41.71 -25.38
N THR F 65 -8.06 41.39 -24.12
CA THR F 65 -7.16 40.30 -23.75
C THR F 65 -7.86 39.37 -22.78
N ASN F 66 -7.58 38.07 -22.91
CA ASN F 66 -8.08 37.06 -22.00
C ASN F 66 -6.94 36.15 -21.61
N VAL F 67 -6.75 35.96 -20.32
CA VAL F 67 -5.78 35.02 -19.79
C VAL F 67 -6.49 34.14 -18.79
N GLY F 68 -6.13 32.87 -18.74
CA GLY F 68 -6.78 31.98 -17.80
C GLY F 68 -6.37 30.54 -18.02
N GLY F 69 -6.96 29.67 -17.20
CA GLY F 69 -6.78 28.25 -17.40
C GLY F 69 -7.54 27.73 -18.59
N ALA F 70 -8.68 28.34 -18.90
CA ALA F 70 -9.48 27.95 -20.06
C ALA F 70 -10.29 29.15 -20.49
N VAL F 71 -10.08 29.61 -21.71
CA VAL F 71 -10.74 30.79 -22.25
C VAL F 71 -11.70 30.31 -23.33
N VAL F 72 -12.98 30.68 -23.19
CA VAL F 72 -14.00 30.32 -24.17
C VAL F 72 -14.68 31.61 -24.60
N THR F 73 -14.51 31.97 -25.86
CA THR F 73 -15.07 33.19 -26.43
C THR F 73 -15.81 32.80 -27.70
N GLY F 74 -17.06 32.38 -27.55
CA GLY F 74 -17.81 31.91 -28.69
C GLY F 74 -19.17 31.40 -28.27
N VAL F 75 -19.77 30.62 -29.15
CA VAL F 75 -21.11 30.09 -28.93
C VAL F 75 -21.00 28.60 -28.65
N THR F 76 -21.61 28.15 -27.56
CA THR F 76 -21.71 26.74 -27.21
C THR F 76 -23.18 26.44 -27.05
N ALA F 77 -23.83 26.07 -28.15
CA ALA F 77 -25.28 25.92 -28.18
C ALA F 77 -25.67 24.48 -28.45
N VAL F 78 -26.84 24.11 -27.95
CA VAL F 78 -27.45 22.81 -28.19
C VAL F 78 -28.91 23.03 -28.54
N ALA F 79 -29.39 22.31 -29.54
CA ALA F 79 -30.77 22.42 -29.97
C ALA F 79 -31.32 21.02 -30.21
N GLN F 80 -32.39 20.68 -29.50
CA GLN F 80 -33.00 19.37 -29.63
C GLN F 80 -34.46 19.50 -30.02
N LYS F 81 -34.98 18.45 -30.65
CA LYS F 81 -36.38 18.44 -31.07
C LYS F 81 -36.79 17.00 -31.30
N THR F 82 -37.80 16.55 -30.56
CA THR F 82 -38.29 15.17 -30.65
C THR F 82 -37.16 14.18 -30.37
N VAL F 83 -36.43 14.43 -29.28
CA VAL F 83 -35.36 13.57 -28.82
C VAL F 83 -35.92 12.75 -27.65
N GLU F 84 -35.59 11.46 -27.62
CA GLU F 84 -36.24 10.54 -26.71
C GLU F 84 -35.25 9.51 -26.21
N GLY F 85 -34.93 9.57 -24.91
CA GLY F 85 -34.33 8.43 -24.24
C GLY F 85 -32.83 8.50 -24.07
N ALA F 86 -32.39 8.90 -22.89
CA ALA F 86 -30.98 8.77 -22.50
C ALA F 86 -30.97 8.58 -20.98
N GLY F 87 -31.00 7.32 -20.56
CA GLY F 87 -31.07 7.02 -19.15
C GLY F 87 -30.35 5.73 -18.85
N SER F 88 -29.78 5.65 -17.66
CA SER F 88 -29.05 4.48 -17.21
C SER F 88 -29.96 3.65 -16.31
N ILE F 89 -30.20 2.42 -16.72
CA ILE F 89 -31.06 1.49 -16.00
C ILE F 89 -30.20 0.36 -15.45
N ALA F 90 -30.52 -0.09 -14.24
CA ALA F 90 -29.81 -1.19 -13.61
C ALA F 90 -30.83 -2.07 -12.91
N ALA F 91 -30.88 -3.35 -13.29
CA ALA F 91 -31.80 -4.29 -12.70
C ALA F 91 -31.03 -5.49 -12.17
N ALA F 92 -31.40 -5.94 -10.98
CA ALA F 92 -30.74 -7.08 -10.34
C ALA F 92 -31.79 -7.94 -9.67
N THR F 93 -31.60 -9.26 -9.77
CA THR F 93 -32.54 -10.21 -9.19
C THR F 93 -31.76 -11.45 -8.79
N GLY F 94 -31.99 -11.92 -7.57
CA GLY F 94 -31.24 -13.07 -7.09
C GLY F 94 -31.97 -13.78 -5.96
N PHE F 95 -31.59 -15.03 -5.74
CA PHE F 95 -32.10 -15.84 -4.65
C PHE F 95 -33.62 -15.93 -4.71
N VAL F 96 -34.12 -16.31 -5.87
CA VAL F 96 -35.54 -16.53 -6.09
C VAL F 96 -35.79 -18.03 -6.13
N LYS F 97 -36.83 -18.48 -5.44
CA LYS F 97 -37.19 -19.88 -5.41
C LYS F 97 -38.63 -20.00 -5.86
N LYS F 98 -38.84 -20.04 -7.17
CA LYS F 98 -40.16 -20.23 -7.74
C LYS F 98 -40.41 -21.72 -7.90
N ASP F 99 -41.27 -22.26 -7.04
CA ASP F 99 -41.51 -23.69 -6.97
C ASP F 99 -42.92 -24.03 -7.41
#